data_5BS7
#
_entry.id   5BS7
#
_cell.length_a   121.205
_cell.length_b   121.205
_cell.length_c   118.503
_cell.angle_alpha   90.00
_cell.angle_beta   90.00
_cell.angle_gamma   90.00
#
_symmetry.space_group_name_H-M   'P 43 2 2'
#
loop_
_entity.id
_entity.type
_entity.pdbx_description
1 polymer 'Histone H3.2'
2 polymer 'Histone H4'
3 polymer 'Protein SPT2 homolog'
4 non-polymer 'SULFATE ION'
5 water water
#
loop_
_entity_poly.entity_id
_entity_poly.type
_entity_poly.pdbx_seq_one_letter_code
_entity_poly.pdbx_strand_id
1 'polypeptide(L)'
;ARKSAPATGGVKKPHRYRPGTVALREIRRYQKSTELLIRKLPFQRLVREIAQDFKTDLRFQSSAVMALQEASEAYLVGLF
EDTNLCAIHAKRVTIMPKDIQLARRIRGERA
;
A,B
2 'polypeptide(L)'
;SGRGKGGKGLGKGGAKRHRKVLRDNIQGITKPAIRRLARRGGVKRISGLIYEETRGVLKVFLENVIRDAVTYTEHAKRKT
VTAMDVVYALKRQGRTLYGFGG
;
C,D
3 'polypeptide(L)'
;GPQRLPFPTGYKRQREYEEEDDDDDEYDSEMEDFIEDEGEPQEEISKHIREIFGYDRKKYKDESDYALRYMESSWKEQQK
EEAKSLRLGMQEDLEEMRREEEEMQRRRAKKLKRR
;
E,F
#
loop_
_chem_comp.id
_chem_comp.type
_chem_comp.name
_chem_comp.formula
SO4 non-polymer 'SULFATE ION' 'O4 S -2'
#
# COMPACT_ATOMS: atom_id res chain seq x y z
N LEU A 36 -22.60 -0.42 11.61
CA LEU A 36 -23.30 0.85 12.00
C LEU A 36 -23.93 1.59 10.79
N LEU A 37 -23.15 1.78 9.73
CA LEU A 37 -23.48 2.73 8.68
C LEU A 37 -23.96 2.12 7.35
N ILE A 38 -23.77 0.82 7.19
CA ILE A 38 -24.56 0.08 6.20
C ILE A 38 -25.70 -0.48 7.02
N ARG A 39 -26.85 -0.67 6.37
CA ARG A 39 -27.95 -1.40 6.99
C ARG A 39 -27.47 -2.85 7.10
N LYS A 40 -27.73 -3.45 8.26
CA LYS A 40 -27.22 -4.77 8.62
C LYS A 40 -27.75 -5.86 7.69
N LEU A 41 -29.01 -5.71 7.30
CA LEU A 41 -29.76 -6.72 6.52
C LEU A 41 -29.10 -7.06 5.16
N PRO A 42 -29.13 -6.11 4.19
CA PRO A 42 -28.70 -6.45 2.84
C PRO A 42 -27.24 -6.82 2.77
N PHE A 43 -26.45 -6.33 3.75
CA PHE A 43 -25.05 -6.69 3.91
C PHE A 43 -24.89 -8.18 4.16
N GLN A 44 -25.61 -8.67 5.18
CA GLN A 44 -25.65 -10.09 5.51
C GLN A 44 -26.02 -10.87 4.24
N ARG A 45 -27.13 -10.50 3.60
CA ARG A 45 -27.52 -11.06 2.29
C ARG A 45 -26.30 -11.17 1.34
N LEU A 46 -25.52 -10.09 1.26
CA LEU A 46 -24.27 -10.10 0.50
C LEU A 46 -23.24 -11.09 1.04
N VAL A 47 -23.13 -11.19 2.37
CA VAL A 47 -22.17 -12.10 3.01
C VAL A 47 -22.53 -13.54 2.75
N ARG A 48 -23.73 -13.94 3.17
CA ARG A 48 -24.20 -15.31 3.00
C ARG A 48 -23.85 -15.76 1.59
N GLU A 49 -24.31 -14.95 0.62
CA GLU A 49 -24.14 -15.24 -0.78
C GLU A 49 -22.72 -15.60 -1.22
N ILE A 50 -21.73 -14.87 -0.72
CA ILE A 50 -20.36 -15.06 -1.21
C ILE A 50 -19.79 -16.39 -0.67
N ALA A 51 -20.16 -16.76 0.57
CA ALA A 51 -19.79 -18.07 1.11
C ALA A 51 -20.38 -19.20 0.22
N GLN A 52 -21.70 -19.16 0.00
CA GLN A 52 -22.40 -20.11 -0.91
C GLN A 52 -21.90 -20.07 -2.36
N ASP A 53 -21.47 -18.89 -2.82
CA ASP A 53 -20.86 -18.73 -4.14
C ASP A 53 -19.59 -19.57 -4.31
N PHE A 54 -19.00 -20.07 -3.22
CA PHE A 54 -17.96 -21.13 -3.31
C PHE A 54 -18.05 -22.26 -2.26
N LYS A 55 -18.06 -21.90 -0.98
CA LYS A 55 -18.10 -22.92 0.03
C LYS A 55 -19.52 -23.29 0.13
N THR A 56 -19.80 -24.55 -0.12
CA THR A 56 -21.15 -25.00 -0.08
C THR A 56 -21.62 -25.09 1.35
N ASP A 57 -22.73 -24.42 1.60
CA ASP A 57 -23.33 -24.48 2.94
C ASP A 57 -22.31 -24.52 4.10
N LEU A 58 -21.38 -23.57 4.09
CA LEU A 58 -20.58 -23.24 5.28
C LEU A 58 -21.43 -22.27 6.11
N ARG A 59 -21.51 -22.48 7.42
CA ARG A 59 -22.23 -21.57 8.31
C ARG A 59 -21.28 -20.54 8.90
N PHE A 60 -21.81 -19.36 9.25
CA PHE A 60 -21.06 -18.26 9.90
C PHE A 60 -21.87 -17.70 11.06
N GLN A 61 -21.18 -17.38 12.15
CA GLN A 61 -21.86 -16.86 13.33
C GLN A 61 -22.37 -15.44 13.12
N SER A 62 -23.29 -15.02 13.98
CA SER A 62 -23.77 -13.63 13.99
C SER A 62 -22.63 -12.66 14.25
N SER A 63 -22.13 -12.66 15.49
CA SER A 63 -21.07 -11.75 15.90
C SER A 63 -19.84 -11.76 14.95
N ALA A 64 -19.75 -12.79 14.11
CA ALA A 64 -18.78 -12.82 13.04
C ALA A 64 -19.11 -11.88 11.89
N VAL A 65 -20.38 -11.71 11.51
CA VAL A 65 -20.70 -10.78 10.38
C VAL A 65 -20.70 -9.32 10.84
N MET A 66 -21.14 -9.13 12.07
CA MET A 66 -21.02 -7.84 12.74
C MET A 66 -19.55 -7.42 12.87
N ALA A 67 -18.64 -8.37 12.66
CA ALA A 67 -17.22 -8.09 12.57
C ALA A 67 -16.80 -7.80 11.14
N LEU A 68 -17.32 -8.56 10.18
CA LEU A 68 -17.03 -8.26 8.79
C LEU A 68 -17.50 -6.88 8.41
N GLN A 69 -18.76 -6.57 8.70
CA GLN A 69 -19.29 -5.27 8.29
C GLN A 69 -18.45 -4.17 8.92
N GLU A 70 -18.37 -4.22 10.25
CA GLU A 70 -17.54 -3.28 11.00
C GLU A 70 -16.17 -3.13 10.35
N ALA A 71 -15.60 -4.21 9.82
CA ALA A 71 -14.35 -4.12 9.05
C ALA A 71 -14.49 -3.46 7.69
N SER A 72 -15.45 -3.95 6.91
CA SER A 72 -15.68 -3.49 5.55
C SER A 72 -15.96 -2.00 5.46
N GLU A 73 -16.77 -1.53 6.40
CA GLU A 73 -17.03 -0.13 6.58
C GLU A 73 -15.71 0.52 6.79
N ALA A 74 -15.10 0.20 7.91
CA ALA A 74 -13.87 0.86 8.32
C ALA A 74 -12.80 0.91 7.26
N TYR A 75 -12.82 -0.07 6.36
CA TYR A 75 -11.86 -0.18 5.30
C TYR A 75 -12.12 0.77 4.18
N LEU A 76 -13.36 0.74 3.67
CA LEU A 76 -13.74 1.63 2.59
C LEU A 76 -13.48 3.06 2.93
N VAL A 77 -13.77 3.41 4.16
CA VAL A 77 -13.35 4.66 4.69
C VAL A 77 -11.85 4.86 4.52
N GLY A 78 -11.04 3.96 5.08
CA GLY A 78 -9.60 4.02 4.93
C GLY A 78 -9.21 4.25 3.50
N LEU A 79 -9.86 3.50 2.63
CA LEU A 79 -9.63 3.54 1.21
C LEU A 79 -9.92 4.88 0.59
N PHE A 80 -11.08 5.43 0.91
CA PHE A 80 -11.43 6.74 0.40
C PHE A 80 -10.48 7.79 0.86
N GLU A 81 -10.04 7.75 2.12
CA GLU A 81 -8.96 8.64 2.55
C GLU A 81 -7.91 8.75 1.43
N ASP A 82 -7.48 7.60 0.92
CA ASP A 82 -6.42 7.50 -0.07
C ASP A 82 -6.94 7.87 -1.43
N THR A 83 -8.08 7.30 -1.81
CA THR A 83 -8.71 7.68 -3.07
C THR A 83 -8.63 9.20 -3.27
N ASN A 84 -9.12 9.92 -2.28
CA ASN A 84 -9.10 11.37 -2.27
C ASN A 84 -7.74 12.02 -2.34
N LEU A 85 -6.71 11.31 -1.89
CA LEU A 85 -5.35 11.83 -1.97
C LEU A 85 -4.92 11.90 -3.38
N CYS A 86 -5.22 10.86 -4.15
CA CYS A 86 -4.89 10.85 -5.56
C CYS A 86 -5.72 11.89 -6.30
N ALA A 87 -7.02 11.99 -5.94
CA ALA A 87 -7.93 13.06 -6.42
C ALA A 87 -7.18 14.37 -6.39
N ILE A 88 -6.59 14.69 -5.26
CA ILE A 88 -6.00 15.98 -5.07
C ILE A 88 -4.60 15.98 -5.59
N HIS A 89 -3.99 14.82 -5.61
CA HIS A 89 -2.68 14.72 -6.26
C HIS A 89 -2.73 15.20 -7.71
N ALA A 90 -3.85 14.90 -8.32
CA ALA A 90 -4.08 15.22 -9.70
C ALA A 90 -4.49 16.65 -9.93
N LYS A 91 -4.43 17.46 -8.89
CA LYS A 91 -5.03 18.76 -8.92
C LYS A 91 -6.51 18.69 -9.15
N ARG A 92 -7.21 17.69 -8.65
CA ARG A 92 -8.68 17.71 -8.78
C ARG A 92 -9.47 17.75 -7.43
N VAL A 93 -10.79 17.61 -7.51
CA VAL A 93 -11.69 17.63 -6.38
C VAL A 93 -12.60 16.42 -6.37
N THR A 94 -13.31 16.24 -7.47
CA THR A 94 -14.32 15.22 -7.58
C THR A 94 -13.57 13.97 -7.85
N ILE A 95 -13.79 12.97 -7.00
CA ILE A 95 -13.06 11.72 -7.13
C ILE A 95 -13.69 10.83 -8.16
N MET A 96 -12.82 10.14 -8.89
CA MET A 96 -13.22 9.23 -9.91
C MET A 96 -12.56 7.88 -9.75
N PRO A 97 -13.04 6.88 -10.52
CA PRO A 97 -12.48 5.55 -10.49
C PRO A 97 -11.00 5.58 -10.70
N LYS A 98 -10.50 6.43 -11.55
CA LYS A 98 -9.09 6.46 -11.73
C LYS A 98 -8.43 6.61 -10.42
N ASP A 99 -9.01 7.40 -9.54
CA ASP A 99 -8.40 7.68 -8.26
C ASP A 99 -8.46 6.51 -7.35
N ILE A 100 -9.62 5.89 -7.27
CA ILE A 100 -9.68 4.67 -6.47
C ILE A 100 -8.63 3.68 -6.96
N GLN A 101 -8.66 3.42 -8.26
CA GLN A 101 -8.00 2.29 -8.82
C GLN A 101 -6.54 2.47 -8.57
N LEU A 102 -6.03 3.65 -8.85
CA LEU A 102 -4.62 3.94 -8.61
C LEU A 102 -4.29 3.66 -7.19
N ALA A 103 -5.06 4.23 -6.30
CA ALA A 103 -4.82 4.04 -4.87
C ALA A 103 -4.59 2.59 -4.51
N ARG A 104 -5.44 1.72 -5.06
CA ARG A 104 -5.31 0.26 -4.91
C ARG A 104 -4.07 -0.33 -5.57
N ARG A 105 -3.83 0.07 -6.83
CA ARG A 105 -2.69 -0.39 -7.58
C ARG A 105 -1.46 -0.14 -6.77
N ILE A 106 -1.37 1.00 -6.10
CA ILE A 106 -0.22 1.25 -5.23
C ILE A 106 -0.18 0.36 -4.00
N ARG A 107 -1.31 0.12 -3.38
CA ARG A 107 -1.31 -0.73 -2.19
C ARG A 107 -1.07 -2.20 -2.57
N GLY A 108 -1.38 -2.58 -3.81
CA GLY A 108 -1.34 -3.97 -4.27
C GLY A 108 -2.73 -4.54 -4.03
N GLU A 109 -3.52 -4.78 -5.09
CA GLU A 109 -4.90 -5.31 -4.97
C GLU A 109 -5.59 -5.48 -6.35
N ARG A 110 -6.62 -6.34 -6.41
CA ARG A 110 -7.22 -6.82 -7.70
C ARG A 110 -8.75 -6.61 -7.82
N LEU B 36 23.18 -6.59 -11.71
CA LEU B 36 22.94 -5.42 -10.80
C LEU B 36 23.31 -4.13 -11.55
N LEU B 37 22.97 -3.00 -10.93
CA LEU B 37 22.96 -1.69 -11.57
C LEU B 37 23.57 -0.60 -10.70
N ILE B 38 23.44 -0.68 -9.38
CA ILE B 38 24.24 0.13 -8.45
C ILE B 38 25.66 -0.44 -8.56
N ARG B 39 26.64 0.44 -8.39
CA ARG B 39 28.05 0.03 -8.39
C ARG B 39 28.28 -0.76 -7.11
N LYS B 40 29.12 -1.78 -7.19
CA LYS B 40 29.24 -2.77 -6.13
C LYS B 40 29.93 -2.15 -4.91
N LEU B 41 31.13 -1.62 -5.13
CA LEU B 41 31.94 -1.02 -4.05
C LEU B 41 31.25 0.08 -3.22
N PRO B 42 30.63 1.07 -3.89
CA PRO B 42 30.01 2.17 -3.14
C PRO B 42 28.77 1.74 -2.38
N PHE B 43 28.18 0.61 -2.78
CA PHE B 43 27.11 0.00 -2.01
C PHE B 43 27.66 -0.69 -0.78
N GLN B 44 28.75 -1.43 -0.91
CA GLN B 44 29.23 -2.10 0.27
C GLN B 44 29.54 -1.12 1.38
N ARG B 45 30.12 0.01 1.04
CA ARG B 45 30.48 0.96 2.06
C ARG B 45 29.28 1.46 2.82
N LEU B 46 28.18 1.73 2.14
CA LEU B 46 27.00 2.26 2.82
C LEU B 46 26.41 1.29 3.82
N VAL B 47 26.35 0.04 3.41
CA VAL B 47 25.79 -0.97 4.25
C VAL B 47 26.68 -1.00 5.47
N ARG B 48 27.96 -0.91 5.21
CA ARG B 48 28.90 -0.95 6.31
C ARG B 48 28.69 0.16 7.29
N GLU B 49 28.51 1.39 6.86
CA GLU B 49 28.32 2.46 7.85
C GLU B 49 27.11 2.20 8.71
N ILE B 50 26.01 1.83 8.08
CA ILE B 50 24.82 1.61 8.90
C ILE B 50 24.93 0.43 9.86
N ALA B 51 25.58 -0.60 9.34
CA ALA B 51 25.78 -1.82 10.06
C ALA B 51 26.61 -1.53 11.25
N GLN B 52 27.62 -0.69 11.08
CA GLN B 52 28.48 -0.40 12.20
C GLN B 52 27.59 0.21 13.25
N ASP B 53 26.80 1.19 12.82
CA ASP B 53 25.96 1.89 13.75
C ASP B 53 25.17 0.99 14.63
N PHE B 54 24.53 -0.04 14.08
CA PHE B 54 23.87 -0.98 15.00
C PHE B 54 24.44 -2.20 14.38
N LYS B 55 25.35 -2.93 15.01
CA LYS B 55 25.78 -2.92 16.41
C LYS B 55 27.24 -2.70 16.43
N THR B 56 27.91 -2.51 17.56
CA THR B 56 29.30 -2.13 17.27
C THR B 56 30.10 -3.35 16.76
N ASP B 57 30.07 -4.46 17.50
CA ASP B 57 30.47 -5.76 16.96
C ASP B 57 29.48 -6.10 15.83
N LEU B 58 30.01 -6.29 14.64
CA LEU B 58 29.17 -6.50 13.47
C LEU B 58 30.01 -7.13 12.36
N ARG B 59 29.51 -8.21 11.77
CA ARG B 59 30.18 -8.84 10.64
C ARG B 59 29.12 -9.39 9.69
N PHE B 60 29.36 -9.22 8.39
CA PHE B 60 28.40 -9.58 7.33
C PHE B 60 29.00 -10.58 6.38
N GLN B 61 28.21 -11.54 5.93
CA GLN B 61 28.67 -12.51 4.95
C GLN B 61 28.81 -11.85 3.58
N SER B 62 29.53 -12.48 2.64
CA SER B 62 29.70 -11.92 1.28
C SER B 62 28.42 -11.95 0.42
N SER B 63 27.72 -13.08 0.41
CA SER B 63 26.44 -13.19 -0.31
C SER B 63 25.31 -12.45 0.39
N ALA B 64 25.44 -12.24 1.69
CA ALA B 64 24.44 -11.50 2.45
C ALA B 64 24.40 -10.06 2.02
N VAL B 65 25.55 -9.48 1.73
CA VAL B 65 25.58 -8.14 1.18
C VAL B 65 25.13 -8.18 -0.26
N MET B 66 25.54 -9.18 -1.01
CA MET B 66 25.00 -9.28 -2.36
C MET B 66 23.49 -9.27 -2.32
N ALA B 67 22.90 -10.19 -1.56
CA ALA B 67 21.43 -10.21 -1.37
C ALA B 67 20.80 -8.87 -1.00
N LEU B 68 21.51 -8.10 -0.19
CA LEU B 68 21.08 -6.79 0.19
C LEU B 68 20.95 -5.90 -1.02
N GLN B 69 22.02 -5.75 -1.77
CA GLN B 69 22.01 -4.90 -2.95
C GLN B 69 20.86 -5.26 -3.87
N GLU B 70 20.82 -6.51 -4.33
CA GLU B 70 19.79 -6.97 -5.27
C GLU B 70 18.41 -6.66 -4.76
N ALA B 71 18.21 -6.63 -3.45
CA ALA B 71 16.93 -6.17 -2.89
C ALA B 71 16.73 -4.70 -3.08
N SER B 72 17.68 -3.90 -2.62
CA SER B 72 17.58 -2.47 -2.72
C SER B 72 17.25 -1.97 -4.12
N GLU B 73 17.82 -2.56 -5.14
CA GLU B 73 17.47 -2.16 -6.47
C GLU B 73 16.06 -2.57 -6.79
N ALA B 74 15.77 -3.87 -6.72
CA ALA B 74 14.39 -4.36 -6.91
C ALA B 74 13.33 -3.47 -6.25
N TYR B 75 13.63 -3.07 -5.03
CA TYR B 75 12.73 -2.23 -4.31
C TYR B 75 12.61 -0.90 -4.96
N LEU B 76 13.75 -0.26 -5.20
CA LEU B 76 13.73 1.06 -5.80
C LEU B 76 13.12 1.10 -7.18
N VAL B 77 13.29 0.05 -7.96
CA VAL B 77 12.57 -0.04 -9.22
C VAL B 77 11.11 -0.22 -8.92
N GLY B 78 10.78 -1.17 -8.04
CA GLY B 78 9.40 -1.33 -7.57
C GLY B 78 8.78 0.01 -7.26
N LEU B 79 9.53 0.81 -6.49
CA LEU B 79 9.10 2.12 -6.03
C LEU B 79 8.93 3.07 -7.17
N PHE B 80 9.89 3.08 -8.07
CA PHE B 80 9.80 4.06 -9.12
C PHE B 80 8.65 3.77 -10.01
N GLU B 81 8.41 2.53 -10.38
CA GLU B 81 7.23 2.29 -11.23
C GLU B 81 5.97 2.92 -10.60
N ASP B 82 5.83 2.82 -9.28
CA ASP B 82 4.67 3.40 -8.59
C ASP B 82 4.76 4.91 -8.70
N THR B 83 5.88 5.45 -8.21
CA THR B 83 6.19 6.87 -8.29
C THR B 83 5.84 7.47 -9.63
N ASN B 84 6.28 6.83 -10.71
CA ASN B 84 6.04 7.33 -12.08
C ASN B 84 4.59 7.37 -12.38
N LEU B 85 3.83 6.36 -11.93
CA LEU B 85 2.43 6.34 -12.26
C LEU B 85 1.59 7.29 -11.45
N CYS B 86 2.16 7.86 -10.41
CA CYS B 86 1.59 9.06 -9.80
C CYS B 86 1.98 10.35 -10.53
N ALA B 87 3.12 10.35 -11.20
CA ALA B 87 3.48 11.40 -12.15
C ALA B 87 2.49 11.41 -13.29
N ILE B 88 2.15 10.22 -13.77
CA ILE B 88 1.17 10.07 -14.82
C ILE B 88 -0.21 10.52 -14.39
N HIS B 89 -0.53 10.18 -13.15
CA HIS B 89 -1.84 10.51 -12.59
C HIS B 89 -2.03 12.01 -12.58
N ALA B 90 -0.92 12.70 -12.45
CA ALA B 90 -0.96 14.11 -12.37
C ALA B 90 -0.90 14.70 -13.76
N LYS B 91 -0.94 13.86 -14.79
CA LYS B 91 -0.81 14.32 -16.15
C LYS B 91 0.50 15.01 -16.35
N ARG B 92 1.55 14.42 -15.81
CA ARG B 92 2.90 14.96 -15.93
C ARG B 92 3.82 13.90 -16.43
N VAL B 93 5.07 14.27 -16.69
CA VAL B 93 6.05 13.38 -17.27
C VAL B 93 7.27 13.28 -16.39
N THR B 94 7.79 14.42 -16.00
CA THR B 94 8.81 14.54 -14.99
C THR B 94 8.30 14.08 -13.65
N ILE B 95 9.06 13.30 -12.90
CA ILE B 95 8.58 12.91 -11.58
C ILE B 95 9.09 13.84 -10.49
N MET B 96 8.21 14.20 -9.61
CA MET B 96 8.56 15.04 -8.51
C MET B 96 8.60 14.20 -7.26
N PRO B 97 9.29 14.68 -6.23
CA PRO B 97 9.28 14.03 -4.94
C PRO B 97 7.87 13.87 -4.43
N LYS B 98 7.06 14.84 -4.74
CA LYS B 98 5.70 14.76 -4.33
C LYS B 98 5.15 13.49 -4.83
N ASP B 99 5.48 13.06 -6.03
CA ASP B 99 5.01 11.76 -6.49
C ASP B 99 5.49 10.61 -5.63
N ILE B 100 6.78 10.62 -5.35
CA ILE B 100 7.36 9.59 -4.49
C ILE B 100 6.65 9.53 -3.15
N GLN B 101 6.45 10.70 -2.60
CA GLN B 101 5.96 10.82 -1.27
C GLN B 101 4.59 10.26 -1.16
N LEU B 102 3.81 10.51 -2.19
CA LEU B 102 2.51 9.96 -2.27
C LEU B 102 2.56 8.45 -2.30
N ALA B 103 3.34 7.94 -3.22
CA ALA B 103 3.45 6.50 -3.39
C ALA B 103 3.85 5.82 -2.10
N ARG B 104 4.63 6.52 -1.28
CA ARG B 104 4.96 6.07 0.05
C ARG B 104 3.82 6.24 1.03
N ARG B 105 3.25 7.43 1.21
CA ARG B 105 2.11 7.52 2.10
C ARG B 105 1.16 6.39 1.81
N ILE B 106 0.81 6.15 0.54
CA ILE B 106 -0.29 5.19 0.23
C ILE B 106 -0.01 3.71 0.57
N ARG B 107 1.25 3.30 0.39
CA ARG B 107 1.70 2.02 0.91
C ARG B 107 1.73 1.95 2.43
N GLY B 108 2.41 2.87 3.08
CA GLY B 108 2.65 2.78 4.51
C GLY B 108 4.05 3.11 4.95
N GLU B 109 4.89 3.65 4.08
CA GLU B 109 6.26 3.97 4.46
C GLU B 109 6.41 5.34 5.23
N ARG B 110 7.11 5.27 6.37
CA ARG B 110 7.46 6.44 7.18
C ARG B 110 8.95 6.69 6.92
N ALA B 111 9.43 7.94 6.82
CA ALA B 111 8.65 9.15 7.05
C ALA B 111 7.81 9.48 5.81
N GLN C 27 -28.04 -2.65 -5.44
CA GLN C 27 -27.42 -3.92 -5.76
C GLN C 27 -26.62 -4.41 -4.57
N GLY C 28 -25.30 -4.48 -4.70
CA GLY C 28 -24.49 -4.93 -3.61
C GLY C 28 -24.62 -4.10 -2.35
N ILE C 29 -24.64 -2.76 -2.43
CA ILE C 29 -24.80 -1.94 -1.22
C ILE C 29 -25.54 -0.61 -1.37
N THR C 30 -26.13 -0.16 -0.28
CA THR C 30 -26.91 1.06 -0.24
C THR C 30 -26.19 2.27 -0.77
N LYS C 31 -26.64 2.75 -1.89
CA LYS C 31 -25.97 3.88 -2.50
C LYS C 31 -25.63 4.95 -1.50
N PRO C 32 -26.64 5.56 -0.86
CA PRO C 32 -26.33 6.63 0.08
C PRO C 32 -25.36 6.24 1.18
N ALA C 33 -25.29 4.96 1.50
CA ALA C 33 -24.32 4.54 2.49
C ALA C 33 -22.92 4.79 2.02
N ILE C 34 -22.70 4.57 0.74
CA ILE C 34 -21.36 4.69 0.23
C ILE C 34 -20.99 6.13 0.09
N ARG C 35 -21.98 6.99 0.18
CA ARG C 35 -21.71 8.38 0.26
C ARG C 35 -21.22 8.72 1.63
N ARG C 36 -21.97 8.32 2.62
CA ARG C 36 -21.60 8.67 3.98
C ARG C 36 -20.21 8.13 4.31
N LEU C 37 -19.96 6.92 3.79
CA LEU C 37 -18.65 6.28 3.84
C LEU C 37 -17.52 7.07 3.22
N ALA C 38 -17.85 7.75 2.15
CA ALA C 38 -16.91 8.60 1.48
C ALA C 38 -16.66 9.86 2.28
N ARG C 39 -17.72 10.55 2.70
CA ARG C 39 -17.52 11.81 3.41
C ARG C 39 -16.74 11.56 4.69
N ARG C 40 -16.83 10.36 5.24
CA ARG C 40 -15.96 10.03 6.35
C ARG C 40 -14.57 9.95 5.82
N GLY C 41 -14.38 9.25 4.71
CA GLY C 41 -13.08 9.31 4.02
C GLY C 41 -12.52 10.71 3.87
N GLY C 42 -13.41 11.69 3.83
CA GLY C 42 -13.04 13.05 3.74
C GLY C 42 -13.33 13.60 2.39
N VAL C 43 -14.07 12.88 1.53
CA VAL C 43 -14.32 13.35 0.17
C VAL C 43 -15.55 14.24 0.17
N LYS C 44 -15.48 15.31 -0.64
CA LYS C 44 -16.55 16.30 -0.72
C LYS C 44 -17.28 16.22 -2.05
N ARG C 45 -16.79 15.41 -2.98
CA ARG C 45 -17.34 15.39 -4.32
C ARG C 45 -17.00 14.12 -4.96
N ILE C 46 -17.95 13.56 -5.68
CA ILE C 46 -17.74 12.29 -6.37
C ILE C 46 -18.44 12.33 -7.69
N SER C 47 -18.10 11.39 -8.56
CA SER C 47 -18.84 11.21 -9.79
C SER C 47 -19.76 10.04 -9.61
N GLY C 48 -20.84 10.01 -10.40
CA GLY C 48 -21.77 8.87 -10.43
C GLY C 48 -21.08 7.55 -10.63
N LEU C 49 -20.04 7.57 -11.47
CA LEU C 49 -19.27 6.36 -11.69
C LEU C 49 -18.74 5.70 -10.45
N ILE C 50 -18.62 6.42 -9.34
CA ILE C 50 -18.04 5.85 -8.16
C ILE C 50 -18.85 4.71 -7.63
N TYR C 51 -20.17 4.81 -7.71
CA TYR C 51 -20.99 3.95 -6.87
C TYR C 51 -20.76 2.50 -7.22
N GLU C 52 -20.71 2.23 -8.51
CA GLU C 52 -20.47 0.88 -9.00
C GLU C 52 -19.08 0.39 -8.61
N GLU C 53 -18.09 1.25 -8.83
CA GLU C 53 -16.70 0.91 -8.58
C GLU C 53 -16.50 0.51 -7.14
N THR C 54 -17.20 1.19 -6.26
CA THR C 54 -17.07 0.94 -4.86
C THR C 54 -17.57 -0.41 -4.48
N ARG C 55 -18.66 -0.81 -5.10
CA ARG C 55 -19.29 -2.11 -4.84
C ARG C 55 -18.33 -3.20 -5.22
N GLY C 56 -17.84 -3.11 -6.45
CA GLY C 56 -16.87 -4.01 -6.95
C GLY C 56 -15.74 -4.20 -5.95
N VAL C 57 -15.18 -3.08 -5.51
CA VAL C 57 -14.02 -3.12 -4.61
C VAL C 57 -14.32 -3.81 -3.29
N LEU C 58 -15.56 -3.75 -2.86
CA LEU C 58 -15.97 -4.38 -1.63
C LEU C 58 -16.10 -5.87 -1.84
N LYS C 59 -16.84 -6.24 -2.89
CA LYS C 59 -17.01 -7.65 -3.28
C LYS C 59 -15.70 -8.40 -3.14
N VAL C 60 -14.67 -7.88 -3.79
CA VAL C 60 -13.38 -8.54 -3.79
C VAL C 60 -12.71 -8.46 -2.45
N PHE C 61 -12.95 -7.39 -1.69
CA PHE C 61 -12.48 -7.31 -0.31
C PHE C 61 -13.07 -8.44 0.44
N LEU C 62 -14.37 -8.55 0.36
CA LEU C 62 -15.09 -9.56 1.09
C LEU C 62 -14.69 -10.97 0.64
N GLU C 63 -14.76 -11.24 -0.65
CA GLU C 63 -14.23 -12.49 -1.20
C GLU C 63 -12.94 -12.87 -0.46
N ASN C 64 -11.95 -11.99 -0.54
CA ASN C 64 -10.64 -12.23 0.06
C ASN C 64 -10.58 -12.55 1.55
N VAL C 65 -11.39 -11.87 2.34
CA VAL C 65 -11.24 -12.01 3.79
C VAL C 65 -11.98 -13.25 4.29
N ILE C 66 -13.17 -13.48 3.73
CA ILE C 66 -14.01 -14.60 4.18
C ILE C 66 -13.41 -15.94 3.77
N ARG C 67 -12.83 -15.97 2.58
CA ARG C 67 -12.01 -17.07 2.12
C ARG C 67 -10.94 -17.37 3.16
N ASP C 68 -10.22 -16.35 3.57
CA ASP C 68 -9.18 -16.51 4.58
C ASP C 68 -9.72 -16.71 6.00
N ALA C 69 -10.95 -16.31 6.26
CA ALA C 69 -11.56 -16.61 7.57
C ALA C 69 -11.90 -18.10 7.67
N VAL C 70 -12.43 -18.65 6.58
CA VAL C 70 -12.73 -20.06 6.48
C VAL C 70 -11.50 -20.87 6.80
N THR C 71 -10.42 -20.63 6.08
CA THR C 71 -9.21 -21.41 6.29
C THR C 71 -8.79 -21.36 7.78
N TYR C 72 -9.01 -20.25 8.46
CA TYR C 72 -8.75 -20.18 9.92
C TYR C 72 -9.60 -21.14 10.76
N THR C 73 -10.84 -21.38 10.34
CA THR C 73 -11.78 -22.24 11.07
C THR C 73 -11.57 -23.73 10.76
N GLU C 74 -11.29 -24.05 9.50
CA GLU C 74 -10.94 -25.41 9.10
C GLU C 74 -9.65 -25.85 9.80
N HIS C 75 -8.56 -25.13 9.54
CA HIS C 75 -7.24 -25.53 10.05
C HIS C 75 -7.16 -25.33 11.58
N ALA C 76 -8.28 -24.98 12.22
CA ALA C 76 -8.48 -25.18 13.66
C ALA C 76 -9.64 -26.17 13.97
N LYS C 77 -9.97 -27.01 12.98
CA LYS C 77 -11.03 -28.03 13.08
C LYS C 77 -12.37 -27.57 13.64
N ARG C 78 -12.59 -26.25 13.70
CA ARG C 78 -13.68 -25.67 14.48
C ARG C 78 -14.97 -25.87 13.66
N LYS C 79 -16.11 -25.93 14.35
CA LYS C 79 -17.43 -26.14 13.69
C LYS C 79 -17.66 -25.22 12.45
N THR C 80 -17.81 -23.92 12.70
CA THR C 80 -18.07 -22.89 11.66
C THR C 80 -17.84 -21.46 12.17
N VAL C 81 -17.68 -20.50 11.24
CA VAL C 81 -16.90 -19.26 11.50
C VAL C 81 -17.40 -18.26 12.57
N THR C 82 -16.40 -17.62 13.18
CA THR C 82 -16.56 -16.74 14.30
C THR C 82 -15.67 -15.53 14.13
N ALA C 83 -15.90 -14.54 14.99
CA ALA C 83 -15.21 -13.27 15.00
C ALA C 83 -13.71 -13.41 14.81
N MET C 84 -13.08 -14.16 15.73
CA MET C 84 -11.62 -14.29 15.74
C MET C 84 -11.05 -14.95 14.53
N ASP C 85 -11.90 -15.60 13.73
CA ASP C 85 -11.48 -16.12 12.45
C ASP C 85 -11.30 -14.93 11.55
N VAL C 86 -12.31 -14.06 11.59
CA VAL C 86 -12.26 -12.81 10.86
C VAL C 86 -11.07 -12.00 11.35
N VAL C 87 -11.08 -11.62 12.62
CA VAL C 87 -10.01 -10.79 13.20
C VAL C 87 -8.63 -11.29 12.83
N TYR C 88 -8.43 -12.61 12.89
CA TYR C 88 -7.16 -13.23 12.47
C TYR C 88 -6.98 -13.02 10.97
N ALA C 89 -8.02 -13.30 10.19
CA ALA C 89 -8.05 -13.08 8.72
C ALA C 89 -7.73 -11.65 8.30
N LEU C 90 -8.07 -10.70 9.16
CA LEU C 90 -7.74 -9.32 8.92
C LEU C 90 -6.28 -8.97 9.19
N LYS C 91 -5.53 -9.87 9.78
CA LYS C 91 -4.15 -9.56 10.01
C LYS C 91 -3.51 -9.77 8.66
N ARG C 92 -3.72 -8.76 7.82
CA ARG C 92 -3.20 -8.66 6.45
C ARG C 92 -3.07 -7.19 5.98
N GLN C 93 -3.17 -6.22 6.92
CA GLN C 93 -3.50 -4.79 6.67
C GLN C 93 -2.73 -3.81 7.54
N GLY C 94 -1.87 -2.99 6.91
CA GLY C 94 -1.37 -1.75 7.53
C GLY C 94 -2.41 -0.63 7.49
N ARG C 95 -3.38 -0.72 6.57
CA ARG C 95 -4.33 0.35 6.24
C ARG C 95 -5.77 -0.16 6.10
N ILE D 26 29.10 6.62 2.27
CA ILE D 26 28.14 7.71 2.66
C ILE D 26 26.99 7.73 1.60
N GLN D 27 26.89 8.78 0.79
CA GLN D 27 25.93 8.84 -0.31
C GLN D 27 26.76 8.92 -1.58
N GLY D 28 27.37 7.79 -1.88
CA GLY D 28 28.00 7.55 -3.16
C GLY D 28 27.04 6.86 -4.12
N ILE D 29 25.73 7.08 -3.94
CA ILE D 29 24.74 6.52 -4.83
C ILE D 29 24.63 7.55 -5.94
N THR D 30 25.41 7.31 -6.98
CA THR D 30 25.61 8.30 -8.02
C THR D 30 24.31 8.58 -8.74
N LYS D 31 24.14 9.83 -9.10
CA LYS D 31 22.96 10.25 -9.78
C LYS D 31 22.64 9.38 -10.99
N PRO D 32 23.63 9.06 -11.82
CA PRO D 32 23.27 8.22 -12.96
C PRO D 32 22.99 6.78 -12.61
N ALA D 33 23.41 6.34 -11.43
CA ALA D 33 22.93 5.05 -10.92
C ALA D 33 21.43 5.12 -10.79
N ILE D 34 21.00 6.17 -10.12
CA ILE D 34 19.58 6.39 -9.92
C ILE D 34 18.81 6.34 -11.24
N ARG D 35 19.22 7.17 -12.20
CA ARG D 35 18.55 7.30 -13.49
C ARG D 35 18.38 5.88 -14.09
N ARG D 36 19.43 5.05 -14.04
CA ARG D 36 19.37 3.64 -14.54
C ARG D 36 18.14 2.94 -13.99
N LEU D 37 17.99 3.02 -12.67
CA LEU D 37 16.87 2.38 -11.97
C LEU D 37 15.52 2.99 -12.30
N ALA D 38 15.37 4.29 -12.00
CA ALA D 38 14.21 5.03 -12.39
C ALA D 38 13.75 4.62 -13.79
N ARG D 39 14.66 4.66 -14.74
CA ARG D 39 14.29 4.33 -16.11
C ARG D 39 13.90 2.88 -16.22
N ARG D 40 14.58 2.01 -15.48
CA ARG D 40 14.18 0.60 -15.34
C ARG D 40 12.75 0.55 -14.84
N GLY D 41 12.40 1.45 -13.94
CA GLY D 41 11.03 1.57 -13.48
C GLY D 41 10.03 2.03 -14.53
N GLY D 42 10.49 2.72 -15.57
CA GLY D 42 9.59 3.31 -16.55
C GLY D 42 9.65 4.81 -16.55
N VAL D 43 10.42 5.38 -15.64
CA VAL D 43 10.48 6.82 -15.53
C VAL D 43 11.06 7.39 -16.80
N LYS D 44 10.48 8.53 -17.22
CA LYS D 44 10.86 9.22 -18.42
C LYS D 44 11.43 10.60 -18.20
N ARG D 45 11.32 11.19 -17.03
CA ARG D 45 11.99 12.46 -16.79
C ARG D 45 12.05 12.62 -15.30
N ILE D 46 13.06 13.29 -14.80
CA ILE D 46 13.33 13.28 -13.38
C ILE D 46 13.59 14.67 -12.86
N SER D 47 12.78 15.15 -11.94
CA SER D 47 13.11 16.36 -11.18
C SER D 47 14.47 16.25 -10.49
N GLY D 48 15.20 17.35 -10.38
CA GLY D 48 16.52 17.31 -9.77
C GLY D 48 16.56 16.91 -8.31
N LEU D 49 15.42 16.92 -7.65
CA LEU D 49 15.39 16.68 -6.23
C LEU D 49 15.14 15.22 -5.92
N ILE D 50 14.91 14.43 -6.96
CA ILE D 50 14.65 13.00 -6.79
C ILE D 50 15.86 12.29 -6.22
N TYR D 51 17.02 12.74 -6.68
CA TYR D 51 18.29 12.26 -6.15
C TYR D 51 18.27 12.28 -4.63
N GLU D 52 18.33 13.46 -4.03
CA GLU D 52 18.35 13.52 -2.57
C GLU D 52 17.24 12.63 -2.00
N GLU D 53 16.07 12.64 -2.63
CA GLU D 53 14.95 11.89 -2.10
C GLU D 53 15.23 10.39 -2.15
N THR D 54 15.37 9.84 -3.34
CA THR D 54 15.77 8.46 -3.49
C THR D 54 16.87 8.04 -2.51
N ARG D 55 17.86 8.90 -2.32
CA ARG D 55 18.93 8.61 -1.39
C ARG D 55 18.32 8.39 -0.03
N GLY D 56 17.60 9.40 0.43
CA GLY D 56 16.96 9.35 1.75
C GLY D 56 16.21 8.07 2.05
N VAL D 57 15.35 7.64 1.11
CA VAL D 57 14.59 6.38 1.24
C VAL D 57 15.45 5.14 1.17
N LEU D 58 16.43 5.16 0.29
CA LEU D 58 17.28 3.99 0.14
C LEU D 58 17.96 3.65 1.47
N LYS D 59 18.45 4.69 2.13
CA LYS D 59 18.99 4.57 3.46
C LYS D 59 17.96 3.88 4.35
N VAL D 60 16.82 4.52 4.51
CA VAL D 60 15.82 4.04 5.44
C VAL D 60 15.46 2.58 5.17
N PHE D 61 15.38 2.20 3.92
CA PHE D 61 15.11 0.82 3.59
C PHE D 61 16.11 -0.12 4.17
N LEU D 62 17.39 0.24 4.06
CA LEU D 62 18.48 -0.56 4.61
C LEU D 62 18.50 -0.41 6.10
N GLU D 63 18.43 0.81 6.55
CA GLU D 63 18.52 1.06 7.93
C GLU D 63 17.67 0.08 8.65
N ASN D 64 16.48 -0.17 8.21
CA ASN D 64 15.66 -1.10 8.95
C ASN D 64 15.33 -2.36 8.20
N VAL D 65 16.17 -2.78 7.29
CA VAL D 65 16.08 -4.15 6.81
C VAL D 65 17.22 -4.98 7.36
N ILE D 66 18.36 -4.34 7.58
CA ILE D 66 19.46 -4.94 8.31
C ILE D 66 19.13 -4.94 9.79
N ARG D 67 18.61 -3.82 10.32
CA ARG D 67 18.21 -3.76 11.74
C ARG D 67 17.44 -5.03 12.06
N ASP D 68 16.53 -5.39 11.17
CA ASP D 68 15.67 -6.55 11.36
C ASP D 68 16.28 -7.87 10.89
N ALA D 69 17.42 -7.84 10.23
CA ALA D 69 18.09 -9.07 9.81
C ALA D 69 18.98 -9.54 10.91
N VAL D 70 19.83 -8.63 11.38
CA VAL D 70 20.61 -8.82 12.60
C VAL D 70 19.80 -9.61 13.60
N THR D 71 18.60 -9.14 13.91
CA THR D 71 17.80 -9.78 14.91
C THR D 71 17.50 -11.24 14.60
N TYR D 72 17.42 -11.60 13.31
CA TYR D 72 17.34 -13.02 12.91
C TYR D 72 18.65 -13.80 13.06
N THR D 73 19.75 -13.11 13.32
CA THR D 73 21.06 -13.72 13.46
C THR D 73 21.53 -13.75 14.92
N GLU D 74 21.26 -12.66 15.65
CA GLU D 74 21.40 -12.66 17.11
C GLU D 74 20.55 -13.75 17.76
N HIS D 75 19.37 -14.01 17.21
CA HIS D 75 18.45 -15.02 17.73
C HIS D 75 18.72 -16.45 17.21
N ALA D 76 19.82 -16.64 16.50
CA ALA D 76 20.41 -17.97 16.32
C ALA D 76 21.80 -18.02 16.96
N LYS D 77 22.07 -16.97 17.75
CA LYS D 77 23.34 -16.79 18.42
C LYS D 77 24.39 -17.15 17.41
N ARG D 78 24.41 -16.40 16.32
CA ARG D 78 25.30 -16.71 15.21
C ARG D 78 26.24 -15.52 15.06
N LYS D 79 27.37 -15.75 14.38
CA LYS D 79 28.47 -14.77 14.34
C LYS D 79 28.10 -13.60 13.42
N THR D 80 27.86 -13.95 12.16
CA THR D 80 27.62 -13.00 11.08
C THR D 80 26.27 -13.30 10.43
N VAL D 81 25.83 -12.42 9.53
CA VAL D 81 24.48 -12.50 8.92
C VAL D 81 24.53 -13.16 7.53
N THR D 82 23.88 -14.32 7.34
CA THR D 82 23.78 -14.91 5.99
C THR D 82 22.69 -14.23 5.19
N ALA D 83 22.83 -14.33 3.87
CA ALA D 83 21.78 -13.95 2.95
C ALA D 83 20.43 -14.46 3.42
N MET D 84 20.38 -15.71 3.84
CA MET D 84 19.12 -16.27 4.20
C MET D 84 18.37 -15.45 5.22
N ASP D 85 19.07 -14.91 6.20
CA ASP D 85 18.39 -14.15 7.26
C ASP D 85 17.96 -12.76 6.79
N VAL D 86 18.52 -12.32 5.66
CA VAL D 86 18.06 -11.12 4.98
C VAL D 86 16.71 -11.45 4.37
N VAL D 87 16.68 -12.43 3.47
CA VAL D 87 15.43 -12.89 2.88
C VAL D 87 14.28 -12.99 3.88
N TYR D 88 14.61 -13.43 5.08
CA TYR D 88 13.66 -13.42 6.18
C TYR D 88 13.27 -11.99 6.59
N ALA D 89 14.28 -11.15 6.88
CA ALA D 89 14.06 -9.73 7.18
C ALA D 89 13.41 -8.95 6.03
N LEU D 90 13.56 -9.44 4.80
CA LEU D 90 12.85 -8.87 3.68
C LEU D 90 11.39 -9.10 3.83
N LYS D 91 11.00 -10.37 3.98
CA LYS D 91 9.59 -10.71 3.86
C LYS D 91 8.69 -9.87 4.78
N ARG D 92 9.17 -9.53 5.99
CA ARG D 92 8.51 -8.49 6.81
C ARG D 92 8.46 -7.12 6.07
N GLN D 93 9.63 -6.68 5.59
CA GLN D 93 9.82 -5.47 4.75
C GLN D 93 9.68 -4.18 5.56
N GLU E 36 -5.73 0.75 41.33
CA GLU E 36 -4.43 1.28 40.79
C GLU E 36 -4.35 1.15 39.26
N ASP E 37 -4.78 -0.01 38.72
CA ASP E 37 -4.81 -0.30 37.27
C ASP E 37 -6.20 -0.82 36.85
N GLU E 38 -6.86 -0.18 35.87
CA GLU E 38 -8.26 -0.52 35.49
C GLU E 38 -8.81 0.09 34.17
N GLY E 39 -9.90 -0.50 33.66
CA GLY E 39 -10.63 -0.01 32.46
C GLY E 39 -12.15 -0.05 32.67
N GLU E 40 -12.93 -0.11 31.58
CA GLU E 40 -14.42 -0.06 31.70
C GLU E 40 -15.31 -0.92 30.72
N PRO E 41 -15.38 -0.60 29.39
CA PRO E 41 -16.41 -1.24 28.50
C PRO E 41 -16.25 -2.75 28.14
N GLN E 42 -17.18 -3.30 27.35
CA GLN E 42 -17.26 -4.75 27.09
C GLN E 42 -17.36 -5.25 25.61
N GLU E 43 -17.16 -4.35 24.61
CA GLU E 43 -17.25 -4.70 23.15
C GLU E 43 -15.87 -4.62 22.43
N GLU E 44 -14.82 -5.04 23.14
CA GLU E 44 -13.42 -4.91 22.70
C GLU E 44 -12.99 -5.65 21.40
N ILE E 45 -13.80 -6.60 20.93
CA ILE E 45 -13.49 -7.30 19.67
C ILE E 45 -13.73 -6.46 18.41
N SER E 46 -14.53 -5.39 18.54
CA SER E 46 -14.80 -4.45 17.44
C SER E 46 -13.88 -3.26 17.47
N LYS E 47 -13.86 -2.55 18.59
CA LYS E 47 -12.95 -1.41 18.74
C LYS E 47 -11.49 -1.76 18.39
N HIS E 48 -11.18 -3.04 18.32
CA HIS E 48 -9.92 -3.46 17.69
C HIS E 48 -9.95 -3.41 16.18
N ILE E 49 -10.98 -3.98 15.58
CA ILE E 49 -11.08 -3.99 14.12
C ILE E 49 -10.88 -2.56 13.56
N ARG E 50 -11.67 -1.64 14.08
CA ARG E 50 -11.52 -0.23 13.74
C ARG E 50 -10.07 0.25 13.91
N GLU E 51 -9.42 -0.13 15.01
CA GLU E 51 -7.99 0.22 15.26
C GLU E 51 -7.04 -0.31 14.16
N ILE E 52 -7.37 -1.46 13.59
CA ILE E 52 -6.61 -2.00 12.48
C ILE E 52 -6.50 -1.00 11.32
N PHE E 53 -7.62 -0.36 10.99
CA PHE E 53 -7.70 0.48 9.80
C PHE E 53 -7.54 1.95 10.13
N GLY E 54 -7.52 2.29 11.41
CA GLY E 54 -7.37 3.67 11.85
C GLY E 54 -8.64 4.49 11.97
N TYR E 55 -9.77 3.83 11.91
CA TYR E 55 -11.04 4.48 12.02
C TYR E 55 -11.19 5.16 13.37
N ASP E 56 -12.02 6.19 13.44
CA ASP E 56 -12.19 6.92 14.68
C ASP E 56 -13.60 7.34 15.05
N ARG E 57 -13.84 7.43 16.34
CA ARG E 57 -15.09 7.87 16.91
C ARG E 57 -15.38 9.32 16.66
N LYS E 58 -14.36 10.17 16.70
CA LYS E 58 -14.52 11.62 16.72
C LYS E 58 -15.37 12.45 15.74
N LYS E 59 -15.25 12.29 14.45
CA LYS E 59 -16.08 12.99 13.56
C LYS E 59 -17.31 12.14 13.33
N TYR E 60 -18.20 12.08 14.32
CA TYR E 60 -19.44 11.36 14.10
C TYR E 60 -20.67 12.09 14.64
N LYS E 61 -20.50 13.26 15.26
CA LYS E 61 -21.63 13.99 15.82
C LYS E 61 -22.13 15.18 14.99
N ASP E 62 -21.33 15.56 14.00
CA ASP E 62 -21.59 16.72 13.16
C ASP E 62 -22.14 16.29 11.83
N GLU E 63 -22.85 15.19 11.78
CA GLU E 63 -23.27 14.67 10.52
C GLU E 63 -24.36 15.41 9.82
N SER E 64 -23.98 16.46 9.12
CA SER E 64 -24.90 17.26 8.33
C SER E 64 -25.17 16.48 7.10
N ASP E 65 -26.23 16.79 6.39
CA ASP E 65 -26.61 16.05 5.21
C ASP E 65 -25.73 16.29 4.01
N TYR E 66 -24.66 17.01 4.15
CA TYR E 66 -23.96 17.31 2.95
C TYR E 66 -23.85 16.12 2.15
N ALA E 67 -23.53 15.04 2.80
CA ALA E 67 -23.29 13.77 2.13
C ALA E 67 -24.56 13.24 1.49
N LEU E 68 -25.67 13.55 2.11
CA LEU E 68 -26.95 13.18 1.62
C LEU E 68 -27.15 13.72 0.26
N ARG E 69 -26.82 15.00 0.05
CA ARG E 69 -27.26 15.62 -1.19
C ARG E 69 -26.34 16.51 -1.99
N TYR E 70 -25.28 17.05 -1.42
CA TYR E 70 -24.43 17.96 -2.19
C TYR E 70 -23.13 17.31 -2.67
N MET E 71 -23.13 16.00 -2.79
CA MET E 71 -21.88 15.30 -2.93
C MET E 71 -21.50 14.77 -4.33
N GLU E 72 -22.37 14.82 -5.32
CA GLU E 72 -21.94 14.41 -6.65
C GLU E 72 -21.85 15.49 -7.69
N SER E 73 -20.96 15.24 -8.65
CA SER E 73 -20.56 16.24 -9.62
C SER E 73 -21.08 16.04 -11.05
N SER E 74 -21.57 17.15 -11.56
CA SER E 74 -22.09 17.31 -12.86
C SER E 74 -21.02 16.94 -13.79
N TRP E 75 -21.37 16.23 -14.83
CA TRP E 75 -20.41 15.78 -15.83
C TRP E 75 -19.74 16.97 -16.56
N LYS E 76 -20.38 18.15 -16.70
CA LYS E 76 -19.62 19.33 -17.17
C LYS E 76 -18.54 19.67 -16.17
N GLU E 77 -18.86 19.56 -14.88
CA GLU E 77 -17.97 19.99 -13.80
C GLU E 77 -16.78 19.11 -13.80
N GLN E 78 -16.98 17.78 -13.92
CA GLN E 78 -15.85 16.84 -13.96
C GLN E 78 -14.91 17.14 -15.10
N GLN E 79 -15.48 17.48 -16.25
CA GLN E 79 -14.69 17.71 -17.44
C GLN E 79 -13.94 19.05 -17.37
N LYS E 80 -14.46 20.03 -16.64
CA LYS E 80 -13.71 21.28 -16.41
C LYS E 80 -12.54 21.06 -15.46
N GLU E 81 -12.69 20.07 -14.58
CA GLU E 81 -11.68 19.78 -13.58
C GLU E 81 -10.48 19.13 -14.23
N GLU E 82 -10.74 18.23 -15.19
CA GLU E 82 -9.64 17.54 -15.88
C GLU E 82 -8.91 18.56 -16.76
N ALA E 83 -9.69 19.40 -17.40
CA ALA E 83 -9.16 20.51 -18.16
C ALA E 83 -8.12 21.26 -17.42
N LYS E 84 -8.39 21.59 -16.17
CA LYS E 84 -7.41 22.32 -15.37
C LYS E 84 -6.30 21.38 -14.89
N SER E 85 -6.66 20.17 -14.45
CA SER E 85 -5.67 19.20 -14.00
C SER E 85 -4.60 19.08 -15.04
N LEU E 86 -5.08 19.13 -16.26
CA LEU E 86 -4.23 18.94 -17.41
C LEU E 86 -3.31 20.11 -17.66
N ARG E 87 -3.91 21.29 -17.77
CA ARG E 87 -3.19 22.52 -17.97
C ARG E 87 -2.03 22.60 -16.99
N LEU E 88 -2.35 22.36 -15.73
CA LEU E 88 -1.40 22.49 -14.64
C LEU E 88 -0.23 21.54 -14.74
N GLY E 89 -0.55 20.29 -15.04
CA GLY E 89 0.48 19.26 -15.27
C GLY E 89 1.54 19.66 -16.28
N MET E 90 1.09 20.26 -17.37
CA MET E 90 1.97 20.66 -18.42
C MET E 90 2.82 21.80 -17.98
N GLN E 91 2.25 22.76 -17.26
CA GLN E 91 2.98 23.93 -16.82
C GLN E 91 4.03 23.45 -15.90
N GLU E 92 3.62 22.67 -14.89
CA GLU E 92 4.56 22.04 -13.97
C GLU E 92 5.71 21.41 -14.73
N ASP E 93 5.41 20.48 -15.64
CA ASP E 93 6.43 19.86 -16.50
C ASP E 93 7.39 20.85 -17.14
N LEU E 94 6.90 21.91 -17.73
CA LEU E 94 7.78 22.85 -18.42
C LEU E 94 8.64 23.72 -17.58
N GLU E 95 8.11 24.20 -16.47
CA GLU E 95 8.88 25.06 -15.61
C GLU E 95 10.06 24.27 -15.19
N GLU E 96 9.86 22.99 -14.99
CA GLU E 96 10.95 22.13 -14.63
C GLU E 96 12.00 22.04 -15.71
N MET E 97 11.61 21.98 -16.97
CA MET E 97 12.59 21.93 -18.04
C MET E 97 13.41 23.21 -18.07
N ARG E 98 12.73 24.31 -17.81
CA ARG E 98 13.39 25.61 -17.76
C ARG E 98 14.40 25.64 -16.62
N ARG E 99 14.01 25.04 -15.53
CA ARG E 99 14.83 24.95 -14.34
C ARG E 99 16.04 24.18 -14.73
N GLU E 100 15.84 23.21 -15.58
CA GLU E 100 16.90 22.36 -16.05
C GLU E 100 17.93 23.20 -16.72
N GLU E 101 17.50 24.11 -17.57
CA GLU E 101 18.47 25.00 -18.23
C GLU E 101 19.29 25.81 -17.22
N GLU E 102 18.57 26.37 -16.27
CA GLU E 102 19.26 27.18 -15.28
C GLU E 102 20.31 26.35 -14.56
N GLU E 103 19.94 25.14 -14.18
CA GLU E 103 20.84 24.22 -13.46
C GLU E 103 22.02 23.77 -14.29
N MET E 104 21.80 23.58 -15.58
CA MET E 104 22.85 23.15 -16.46
C MET E 104 23.90 24.21 -16.39
N GLN E 105 23.49 25.48 -16.34
CA GLN E 105 24.53 26.52 -16.22
C GLN E 105 24.41 27.36 -14.94
N ILE F 35 9.68 -40.85 -14.23
CA ILE F 35 9.08 -39.61 -14.79
C ILE F 35 10.16 -38.57 -15.09
N GLU F 36 10.02 -37.86 -16.21
CA GLU F 36 10.89 -36.74 -16.53
C GLU F 36 10.31 -35.44 -15.98
N ASP F 37 9.43 -35.53 -14.99
CA ASP F 37 8.61 -34.42 -14.51
C ASP F 37 9.23 -33.53 -13.38
N GLU F 38 10.44 -33.88 -12.90
CA GLU F 38 11.29 -32.95 -12.13
C GLU F 38 12.31 -32.32 -13.09
N GLY F 39 12.55 -31.00 -12.97
CA GLY F 39 13.36 -30.23 -13.94
C GLY F 39 14.89 -30.24 -13.78
N GLU F 40 15.47 -29.07 -13.47
CA GLU F 40 16.93 -28.91 -13.24
C GLU F 40 17.27 -27.42 -12.95
N PRO F 41 18.43 -27.13 -12.30
CA PRO F 41 18.64 -25.79 -11.69
C PRO F 41 19.33 -24.67 -12.54
N GLN F 42 19.65 -23.57 -11.86
CA GLN F 42 20.71 -22.61 -12.24
C GLN F 42 21.60 -22.10 -11.05
N GLU F 43 21.25 -22.43 -9.79
CA GLU F 43 21.97 -21.99 -8.56
C GLU F 43 21.82 -20.49 -8.12
N GLU F 44 20.85 -19.74 -8.68
CA GLU F 44 20.59 -18.33 -8.28
C GLU F 44 19.34 -18.21 -7.38
N ILE F 45 19.56 -17.64 -6.19
CA ILE F 45 18.52 -17.44 -5.15
C ILE F 45 17.90 -16.06 -5.31
N SER F 46 18.70 -15.08 -5.74
CA SER F 46 18.25 -13.74 -6.11
C SER F 46 16.90 -13.72 -6.82
N LYS F 47 16.67 -14.62 -7.78
CA LYS F 47 15.35 -14.77 -8.42
C LYS F 47 14.14 -14.69 -7.47
N HIS F 48 14.34 -15.06 -6.20
CA HIS F 48 13.33 -14.88 -5.14
C HIS F 48 13.15 -13.43 -4.70
N ILE F 49 14.24 -12.72 -4.48
CA ILE F 49 14.15 -11.28 -4.17
C ILE F 49 13.47 -10.51 -5.32
N ARG F 50 13.97 -10.70 -6.56
CA ARG F 50 13.33 -10.14 -7.77
C ARG F 50 11.82 -10.33 -7.61
N GLU F 51 11.43 -11.53 -7.19
CA GLU F 51 10.04 -11.89 -6.95
C GLU F 51 9.34 -11.24 -5.73
N ILE F 52 10.07 -11.02 -4.63
CA ILE F 52 9.53 -10.31 -3.45
C ILE F 52 8.99 -8.90 -3.76
N PHE F 53 9.57 -8.25 -4.74
CA PHE F 53 9.10 -6.94 -5.13
C PHE F 53 8.42 -6.92 -6.52
N GLY F 54 8.55 -7.99 -7.31
CA GLY F 54 8.06 -8.01 -8.70
C GLY F 54 9.01 -7.25 -9.61
N TYR F 55 9.75 -7.96 -10.48
CA TYR F 55 10.86 -7.36 -11.25
C TYR F 55 11.34 -8.26 -12.43
N ASP F 56 11.50 -7.65 -13.61
CA ASP F 56 12.06 -8.32 -14.78
C ASP F 56 13.55 -8.68 -14.58
S SO4 G . -10.51 21.41 1.11
O1 SO4 G . -11.76 21.66 1.85
O2 SO4 G . -9.40 21.54 2.06
O3 SO4 G . -10.42 22.51 0.10
O4 SO4 G . -10.49 20.02 0.56
#